data_3NWG
#
_entry.id   3NWG
#
_cell.length_a   104.862
_cell.length_b   104.862
_cell.length_c   81.309
_cell.angle_alpha   90.00
_cell.angle_beta   90.00
_cell.angle_gamma   120.00
#
_symmetry.space_group_name_H-M   'P 63 2 2'
#
loop_
_entity.id
_entity.type
_entity.pdbx_description
1 polymer 'Microcompartments protein'
2 non-polymer GLYCEROL
3 water water
#
_entity_poly.entity_id   1
_entity_poly.type   'polypeptide(L)'
_entity_poly.pdbx_seq_one_letter_code
;A(MSE)ESIGLVEVNSIARGIEAADA(MSE)LKAAQVDLLEAKPVCPGKYIVLICGDVAAVQSSVTAGKT(MSE)AAHSV
LDDFILPNVHPQVLTAISAATPLTLIKALGIIETFSIASLIVAADTAAKTGQVDLVEIRIG(MSE)GIGGKSFVTLTGDV
ASVESSVAAGV(MSE)LASERG(MSE)LVDKVVIPSPHDHLKRCLC
;
_entity_poly.pdbx_strand_id   A
#
# COMPACT_ATOMS: atom_id res chain seq x y z
N ALA A 1 5.03 15.45 -13.82
CA ALA A 1 5.32 14.13 -13.16
C ALA A 1 4.40 13.82 -11.98
N GLU A 3 4.03 11.42 -8.46
CA GLU A 3 4.92 10.97 -7.40
C GLU A 3 5.17 9.46 -7.41
N SER A 4 6.25 9.05 -6.75
CA SER A 4 6.55 7.64 -6.54
C SER A 4 6.37 7.27 -5.07
N ILE A 5 6.29 5.97 -4.79
CA ILE A 5 6.27 5.46 -3.42
C ILE A 5 7.41 4.46 -3.22
N GLY A 6 8.09 4.57 -2.06
CA GLY A 6 9.20 3.69 -1.72
C GLY A 6 8.96 3.01 -0.38
N LEU A 7 9.39 1.76 -0.29
CA LEU A 7 9.20 0.95 0.90
C LEU A 7 10.48 0.26 1.31
N VAL A 8 10.84 0.38 2.58
CA VAL A 8 11.90 -0.44 3.12
C VAL A 8 11.33 -1.23 4.28
N GLU A 9 11.54 -2.55 4.25
CA GLU A 9 11.23 -3.42 5.37
C GLU A 9 12.50 -3.92 6.07
N VAL A 10 12.54 -3.76 7.39
CA VAL A 10 13.73 -4.00 8.20
C VAL A 10 13.42 -4.97 9.33
N ASN A 11 14.38 -5.81 9.65
CA ASN A 11 14.29 -6.79 10.73
C ASN A 11 14.21 -6.26 12.17
N SER A 12 14.72 -5.07 12.44
CA SER A 12 14.70 -4.48 13.78
C SER A 12 13.93 -3.20 13.83
N ILE A 13 13.24 -2.96 14.94
CA ILE A 13 12.80 -1.62 15.26
C ILE A 13 14.01 -0.65 15.26
N ALA A 14 15.05 -0.99 16.04
CA ALA A 14 16.21 -0.12 16.17
C ALA A 14 16.76 0.31 14.80
N ARG A 15 17.12 -0.67 13.99
CA ARG A 15 17.59 -0.44 12.61
C ARG A 15 16.57 0.24 11.71
N GLY A 16 15.29 -0.09 11.91
CA GLY A 16 14.21 0.50 11.13
C GLY A 16 14.11 1.98 11.44
N ILE A 17 14.28 2.34 12.70
CA ILE A 17 14.23 3.74 13.09
C ILE A 17 15.45 4.50 12.53
N GLU A 18 16.60 3.84 12.47
CA GLU A 18 17.81 4.46 11.93
C GLU A 18 17.66 4.56 10.42
N ALA A 19 17.06 3.55 9.81
CA ALA A 19 16.87 3.56 8.38
C ALA A 19 15.93 4.70 8.02
N ALA A 20 14.88 4.90 8.83
CA ALA A 20 13.88 5.92 8.55
C ALA A 20 14.50 7.29 8.63
N ASP A 21 15.44 7.46 9.55
CA ASP A 21 16.14 8.71 9.74
C ASP A 21 16.98 9.06 8.51
N ALA A 22 17.69 8.06 8.00
CA ALA A 22 18.47 8.17 6.77
C ALA A 22 17.58 8.53 5.59
N LEU A 24 14.52 9.96 5.44
CA LEU A 24 13.96 11.30 5.52
C LEU A 24 14.99 12.37 5.16
N LYS A 25 16.27 12.05 5.43
CA LYS A 25 17.33 13.04 5.30
C LYS A 25 17.89 13.06 3.88
N ALA A 26 17.68 11.95 3.17
CA ALA A 26 18.37 11.70 1.93
C ALA A 26 17.98 12.65 0.79
N ALA A 27 16.76 13.18 0.85
CA ALA A 27 16.15 13.87 -0.27
C ALA A 27 14.80 14.40 0.19
N GLN A 28 14.15 15.27 -0.62
CA GLN A 28 12.81 15.78 -0.28
C GLN A 28 11.75 14.70 -0.49
N VAL A 29 11.50 13.94 0.57
CA VAL A 29 10.43 12.95 0.58
C VAL A 29 9.54 13.17 1.80
N ASP A 30 8.29 12.75 1.71
CA ASP A 30 7.39 12.78 2.84
C ASP A 30 7.28 11.37 3.41
N LEU A 31 7.18 11.27 4.73
CA LEU A 31 6.92 9.99 5.38
C LEU A 31 5.43 9.68 5.40
N LEU A 32 5.08 8.50 4.89
CA LEU A 32 3.71 8.01 4.93
C LEU A 32 3.49 7.15 6.17
N GLU A 33 4.43 6.23 6.39
CA GLU A 33 4.30 5.22 7.42
C GLU A 33 5.69 4.82 7.89
N ALA A 34 5.84 4.78 9.21
CA ALA A 34 7.02 4.22 9.86
C ALA A 34 6.53 3.51 11.13
N LYS A 35 6.53 2.18 11.10
CA LYS A 35 5.92 1.44 12.20
C LYS A 35 6.35 -0.02 12.25
N PRO A 36 6.33 -0.61 13.46
CA PRO A 36 6.57 -2.04 13.58
C PRO A 36 5.37 -2.79 13.05
N VAL A 37 5.60 -3.79 12.22
CA VAL A 37 4.51 -4.67 11.79
C VAL A 37 4.71 -6.06 12.39
N CYS A 38 4.15 -7.10 11.75
CA CYS A 38 4.31 -8.49 12.22
C CYS A 38 5.76 -8.79 12.63
N PRO A 39 5.97 -9.85 13.44
CA PRO A 39 7.25 -10.06 14.14
C PRO A 39 8.46 -10.20 13.21
N GLY A 40 9.52 -9.43 13.43
CA GLY A 40 9.50 -8.26 14.31
C GLY A 40 9.73 -7.04 13.45
N LYS A 41 9.33 -7.17 12.18
CA LYS A 41 9.50 -6.17 11.13
C LYS A 41 9.23 -4.74 11.52
N TYR A 42 9.97 -3.84 10.89
CA TYR A 42 9.67 -2.43 10.89
C TYR A 42 9.59 -2.03 9.44
N ILE A 43 8.59 -1.22 9.12
CA ILE A 43 8.40 -0.81 7.74
C ILE A 43 8.46 0.69 7.61
N VAL A 44 9.02 1.15 6.51
CA VAL A 44 9.01 2.58 6.19
C VAL A 44 8.47 2.76 4.81
N LEU A 45 7.49 3.65 4.73
CA LEU A 45 6.89 4.06 3.46
C LEU A 45 7.03 5.56 3.32
N ILE A 46 7.47 5.96 2.14
CA ILE A 46 7.71 7.36 1.82
C ILE A 46 7.23 7.65 0.40
N CYS A 47 7.03 8.93 0.11
CA CYS A 47 6.64 9.33 -1.22
C CYS A 47 7.28 10.66 -1.58
N GLY A 48 7.57 10.83 -2.86
CA GLY A 48 8.13 12.06 -3.41
C GLY A 48 8.31 11.86 -4.90
N ASP A 49 9.20 12.61 -5.52
CA ASP A 49 9.53 12.39 -6.92
C ASP A 49 10.39 11.14 -7.08
N VAL A 50 10.21 10.50 -8.24
CA VAL A 50 11.01 9.36 -8.67
C VAL A 50 12.41 9.34 -8.10
N ALA A 51 13.20 10.34 -8.46
CA ALA A 51 14.61 10.38 -8.09
C ALA A 51 14.80 10.58 -6.57
N ALA A 52 13.93 11.39 -5.96
CA ALA A 52 13.98 11.62 -4.52
C ALA A 52 13.70 10.33 -3.74
N VAL A 53 12.65 9.60 -4.13
CA VAL A 53 12.36 8.30 -3.55
C VAL A 53 13.52 7.30 -3.77
N GLN A 54 14.19 7.38 -4.91
CA GLN A 54 15.27 6.45 -5.16
C GLN A 54 16.45 6.67 -4.22
N SER A 55 16.70 7.94 -3.87
CA SER A 55 17.83 8.27 -2.99
C SER A 55 17.49 7.86 -1.57
N SER A 56 16.27 8.18 -1.18
CA SER A 56 15.75 7.86 0.12
C SER A 56 15.81 6.35 0.37
N VAL A 57 15.32 5.56 -0.60
CA VAL A 57 15.37 4.09 -0.46
C VAL A 57 16.82 3.53 -0.38
N THR A 58 17.71 4.00 -1.25
CA THR A 58 19.11 3.61 -1.17
C THR A 58 19.71 3.98 0.18
N ALA A 59 19.36 5.17 0.69
CA ALA A 59 19.86 5.60 2.00
C ALA A 59 19.49 4.61 3.11
N GLY A 60 18.22 4.19 3.12
CA GLY A 60 17.72 3.26 4.13
C GLY A 60 18.37 1.91 3.98
N LYS A 61 18.48 1.43 2.73
CA LYS A 61 19.18 0.17 2.47
C LYS A 61 20.63 0.22 2.96
N THR A 62 21.23 1.40 2.83
CA THR A 62 22.59 1.64 3.31
C THR A 62 22.70 1.50 4.81
N ALA A 64 20.39 0.20 7.00
CA ALA A 64 19.87 -1.08 7.45
C ALA A 64 20.68 -2.33 7.00
N ALA A 65 21.40 -2.25 5.89
CA ALA A 65 22.32 -3.34 5.46
C ALA A 65 21.72 -4.77 5.49
N HIS A 66 22.22 -5.65 6.37
CA HIS A 66 21.76 -7.06 6.35
C HIS A 66 20.40 -7.34 7.01
N SER A 67 19.84 -6.33 7.68
CA SER A 67 18.55 -6.49 8.31
C SER A 67 17.43 -5.96 7.42
N VAL A 68 17.76 -5.68 6.15
CA VAL A 68 16.74 -5.35 5.17
C VAL A 68 16.05 -6.64 4.75
N LEU A 69 14.72 -6.64 4.78
CA LEU A 69 13.98 -7.81 4.36
C LEU A 69 13.42 -7.58 2.96
N ASP A 70 13.05 -6.33 2.70
CA ASP A 70 12.54 -5.94 1.39
C ASP A 70 12.65 -4.42 1.20
N ASP A 71 12.95 -4.02 -0.03
CA ASP A 71 12.88 -2.64 -0.47
C ASP A 71 12.15 -2.64 -1.80
N PHE A 72 11.33 -1.62 -2.04
CA PHE A 72 10.48 -1.58 -3.21
C PHE A 72 10.18 -0.14 -3.60
N ILE A 73 10.05 0.10 -4.91
CA ILE A 73 9.67 1.41 -5.45
C ILE A 73 8.65 1.30 -6.56
N LEU A 74 7.57 2.07 -6.45
CA LEU A 74 6.53 2.10 -7.47
C LEU A 74 6.38 3.53 -7.97
N PRO A 75 6.90 3.79 -9.18
CA PRO A 75 6.83 5.08 -9.85
C PRO A 75 5.44 5.39 -10.38
N ASN A 76 5.10 6.68 -10.39
CA ASN A 76 3.83 7.15 -10.96
C ASN A 76 2.66 6.50 -10.26
N VAL A 77 2.70 6.53 -8.93
CA VAL A 77 1.66 5.93 -8.11
C VAL A 77 0.41 6.80 -8.15
N HIS A 78 -0.75 6.15 -8.14
CA HIS A 78 -2.02 6.85 -8.19
C HIS A 78 -2.24 7.65 -6.91
N PRO A 79 -2.64 8.93 -7.04
CA PRO A 79 -2.83 9.79 -5.87
C PRO A 79 -3.66 9.17 -4.76
N GLN A 80 -4.60 8.30 -5.11
CA GLN A 80 -5.52 7.72 -4.14
C GLN A 80 -4.87 6.67 -3.28
N VAL A 81 -3.88 5.97 -3.83
CA VAL A 81 -3.10 5.03 -3.06
C VAL A 81 -2.44 5.74 -1.87
N LEU A 82 -1.89 6.92 -2.12
CA LEU A 82 -1.19 7.66 -1.08
C LEU A 82 -2.15 8.12 0.00
N THR A 83 -3.23 8.78 -0.39
CA THR A 83 -4.20 9.25 0.59
C THR A 83 -4.81 8.08 1.38
N ALA A 84 -5.06 6.95 0.72
CA ALA A 84 -5.62 5.77 1.38
C ALA A 84 -4.67 5.26 2.46
N ILE A 85 -3.40 5.10 2.10
CA ILE A 85 -2.36 4.65 3.04
C ILE A 85 -2.28 5.56 4.27
N SER A 86 -2.20 6.87 4.03
CA SER A 86 -2.14 7.86 5.10
C SER A 86 -3.49 8.06 5.81
N ALA A 87 -4.30 6.99 5.85
CA ALA A 87 -5.61 6.98 6.54
C ALA A 87 -6.35 8.31 6.40
N ALA A 88 -6.60 8.72 5.16
CA ALA A 88 -7.02 10.09 4.88
C ALA A 88 -7.99 10.28 3.70
N THR A 89 -8.49 9.16 3.14
CA THR A 89 -9.55 9.23 2.12
C THR A 89 -10.84 9.78 2.76
N PRO A 90 -11.49 10.76 2.09
CA PRO A 90 -12.70 11.37 2.69
C PRO A 90 -13.81 10.33 2.80
N LEU A 91 -14.84 10.62 3.60
CA LEU A 91 -15.98 9.72 3.69
C LEU A 91 -16.55 9.50 2.29
N THR A 92 -16.58 8.24 1.87
CA THR A 92 -17.04 7.89 0.52
C THR A 92 -18.29 7.01 0.62
N LEU A 93 -19.33 7.38 -0.13
CA LEU A 93 -20.56 6.60 -0.22
C LEU A 93 -20.19 5.27 -0.86
N ILE A 94 -20.23 4.20 -0.07
CA ILE A 94 -19.82 2.91 -0.61
C ILE A 94 -20.97 2.23 -1.37
N LYS A 95 -20.70 1.85 -2.61
CA LYS A 95 -21.72 1.24 -3.45
C LYS A 95 -21.39 -0.23 -3.47
N ALA A 96 -20.84 -0.73 -4.57
CA ALA A 96 -20.28 -2.07 -4.59
C ALA A 96 -18.91 -2.06 -3.88
N LEU A 97 -18.58 -3.13 -3.17
CA LEU A 97 -17.38 -3.16 -2.33
C LEU A 97 -16.39 -4.24 -2.77
N GLY A 98 -15.21 -3.79 -3.17
CA GLY A 98 -14.12 -4.68 -3.53
C GLY A 98 -13.03 -4.69 -2.48
N ILE A 99 -12.43 -5.86 -2.26
CA ILE A 99 -11.34 -6.02 -1.31
C ILE A 99 -10.28 -6.91 -1.92
N ILE A 100 -9.03 -6.44 -1.91
CA ILE A 100 -7.88 -7.27 -2.30
C ILE A 100 -6.95 -7.46 -1.11
N GLU A 101 -6.50 -8.69 -0.92
CA GLU A 101 -5.70 -9.02 0.25
C GLU A 101 -4.49 -9.84 -0.21
N THR A 102 -3.29 -9.35 0.11
CA THR A 102 -2.02 -9.94 -0.33
C THR A 102 -1.09 -10.21 0.85
N PHE A 103 -0.12 -11.10 0.61
CA PHE A 103 0.86 -11.55 1.60
C PHE A 103 2.00 -10.56 1.88
N SER A 104 2.18 -9.56 1.00
CA SER A 104 3.26 -8.58 1.13
C SER A 104 2.77 -7.17 0.87
N ILE A 105 3.42 -6.19 1.52
CA ILE A 105 3.05 -4.80 1.36
C ILE A 105 3.33 -4.31 -0.05
N ALA A 106 4.41 -4.80 -0.65
CA ALA A 106 4.75 -4.41 -2.03
C ALA A 106 3.64 -4.83 -3.00
N SER A 107 3.28 -6.11 -2.98
CA SER A 107 2.21 -6.59 -3.83
C SER A 107 0.91 -5.84 -3.54
N LEU A 108 0.65 -5.51 -2.28
CA LEU A 108 -0.54 -4.69 -2.04
C LEU A 108 -0.46 -3.32 -2.74
N ILE A 109 0.66 -2.63 -2.61
CA ILE A 109 0.79 -1.33 -3.24
C ILE A 109 0.55 -1.44 -4.74
N VAL A 110 1.19 -2.43 -5.36
CA VAL A 110 1.02 -2.67 -6.79
C VAL A 110 -0.47 -2.89 -7.13
N ALA A 111 -1.15 -3.72 -6.33
CA ALA A 111 -2.55 -4.08 -6.57
C ALA A 111 -3.48 -2.89 -6.39
N ALA A 112 -3.30 -2.16 -5.30
CA ALA A 112 -4.08 -0.94 -5.06
C ALA A 112 -3.88 0.05 -6.20
N ASP A 113 -2.64 0.22 -6.64
CA ASP A 113 -2.31 1.20 -7.67
C ASP A 113 -2.90 0.79 -9.00
N THR A 114 -2.78 -0.48 -9.34
CA THR A 114 -3.41 -0.99 -10.55
C THR A 114 -4.94 -0.86 -10.46
N ALA A 115 -5.50 -1.19 -9.30
CA ALA A 115 -6.94 -1.06 -9.12
C ALA A 115 -7.37 0.38 -9.38
N ALA A 116 -6.75 1.33 -8.70
CA ALA A 116 -7.14 2.74 -8.84
C ALA A 116 -6.96 3.26 -10.28
N LYS A 117 -6.02 2.69 -11.01
CA LYS A 117 -5.72 3.18 -12.35
C LYS A 117 -6.74 2.72 -13.38
N THR A 118 -7.51 1.69 -13.04
CA THR A 118 -8.48 1.16 -13.99
C THR A 118 -9.88 1.68 -13.69
N GLY A 119 -10.44 2.44 -14.62
CA GLY A 119 -11.82 2.90 -14.50
C GLY A 119 -12.12 3.75 -13.27
N GLN A 120 -13.40 3.77 -12.90
CA GLN A 120 -13.95 4.73 -11.95
C GLN A 120 -14.27 4.05 -10.61
N VAL A 121 -13.25 3.97 -9.76
CA VAL A 121 -13.41 3.49 -8.39
C VAL A 121 -12.80 4.55 -7.47
N ASP A 122 -13.11 4.47 -6.19
CA ASP A 122 -12.39 5.22 -5.18
C ASP A 122 -11.90 4.22 -4.16
N LEU A 123 -10.59 4.24 -3.85
CA LEU A 123 -10.05 3.39 -2.80
C LEU A 123 -10.65 3.88 -1.50
N VAL A 124 -10.99 2.96 -0.61
CA VAL A 124 -11.64 3.33 0.65
C VAL A 124 -10.62 3.30 1.80
N GLU A 125 -9.89 2.19 1.94
CA GLU A 125 -8.79 2.12 2.89
C GLU A 125 -7.73 1.10 2.50
N ILE A 126 -6.54 1.32 3.03
CA ILE A 126 -5.43 0.40 2.89
C ILE A 126 -4.95 0.03 4.29
N ARG A 127 -4.75 -1.26 4.52
CA ARG A 127 -4.20 -1.67 5.80
C ARG A 127 -2.92 -2.44 5.60
N ILE A 128 -1.83 -1.76 5.88
CA ILE A 128 -0.50 -2.34 5.99
C ILE A 128 -0.36 -2.96 7.40
N GLY A 129 0.21 -4.15 7.51
CA GLY A 129 0.42 -4.74 8.84
C GLY A 129 -0.35 -6.04 9.08
N GLY A 131 -0.96 -6.65 12.54
CA GLY A 131 -1.08 -7.47 13.76
C GLY A 131 -2.05 -8.65 13.60
N ILE A 132 -1.67 -9.68 12.84
CA ILE A 132 -0.38 -9.78 12.12
C ILE A 132 -0.52 -10.45 10.74
N GLY A 133 0.01 -11.68 10.61
CA GLY A 133 0.08 -12.40 9.33
C GLY A 133 1.09 -11.80 8.35
N GLY A 134 1.17 -10.47 8.35
CA GLY A 134 1.92 -9.71 7.33
C GLY A 134 0.99 -9.32 6.18
N LYS A 135 -0.25 -9.80 6.29
CA LYS A 135 -1.30 -9.60 5.28
C LYS A 135 -1.74 -8.14 5.24
N SER A 136 -1.84 -7.61 4.03
CA SER A 136 -2.30 -6.26 3.83
C SER A 136 -3.53 -6.34 2.96
N PHE A 137 -4.36 -5.29 2.98
CA PHE A 137 -5.51 -5.25 2.11
C PHE A 137 -5.97 -3.85 1.70
N VAL A 138 -6.63 -3.80 0.53
CA VAL A 138 -7.24 -2.59 0.02
C VAL A 138 -8.74 -2.82 -0.22
N THR A 139 -9.55 -1.83 0.14
CA THR A 139 -10.97 -1.83 -0.18
C THR A 139 -11.26 -0.65 -1.12
N LEU A 140 -12.22 -0.84 -2.02
CA LEU A 140 -12.65 0.19 -2.94
C LEU A 140 -14.14 0.08 -3.28
N THR A 141 -14.74 1.18 -3.75
CA THR A 141 -16.11 1.15 -4.22
C THR A 141 -16.27 1.81 -5.57
N GLY A 142 -17.46 1.61 -6.13
CA GLY A 142 -17.90 2.12 -7.43
C GLY A 142 -19.16 1.34 -7.79
N ASP A 143 -19.63 1.49 -9.02
CA ASP A 143 -20.71 0.63 -9.49
C ASP A 143 -20.14 -0.79 -9.64
N VAL A 144 -20.99 -1.78 -9.80
CA VAL A 144 -20.52 -3.16 -9.76
C VAL A 144 -19.54 -3.53 -10.88
N ALA A 145 -19.85 -3.10 -12.12
CA ALA A 145 -18.96 -3.45 -13.25
C ALA A 145 -17.56 -2.83 -13.10
N SER A 146 -17.52 -1.56 -12.69
CA SER A 146 -16.25 -0.85 -12.48
C SER A 146 -15.39 -1.55 -11.43
N VAL A 147 -16.00 -1.91 -10.30
CA VAL A 147 -15.31 -2.58 -9.20
C VAL A 147 -14.82 -3.95 -9.63
N GLU A 148 -15.67 -4.69 -10.34
CA GLU A 148 -15.34 -6.03 -10.80
C GLU A 148 -14.10 -6.07 -11.66
N SER A 149 -13.93 -5.07 -12.51
CA SER A 149 -12.84 -5.12 -13.49
C SER A 149 -11.62 -4.44 -12.93
N SER A 150 -11.84 -3.64 -11.89
CA SER A 150 -10.77 -3.02 -11.15
C SER A 150 -10.09 -3.99 -10.20
N VAL A 151 -10.84 -4.87 -9.54
CA VAL A 151 -10.16 -5.86 -8.74
C VAL A 151 -9.55 -6.99 -9.57
N ALA A 152 -10.14 -7.31 -10.72
CA ALA A 152 -9.58 -8.36 -11.58
C ALA A 152 -8.20 -7.94 -12.10
N ALA A 153 -8.09 -6.66 -12.45
CA ALA A 153 -6.84 -6.06 -12.89
C ALA A 153 -5.86 -5.91 -11.72
N GLY A 154 -6.35 -5.36 -10.61
CA GLY A 154 -5.57 -5.26 -9.39
C GLY A 154 -4.98 -6.59 -8.93
N VAL A 155 -5.53 -7.69 -9.43
CA VAL A 155 -5.15 -9.00 -8.96
C VAL A 155 -4.23 -9.75 -9.92
N LEU A 157 -1.30 -9.30 -11.50
CA LEU A 157 0.13 -9.37 -11.13
C LEU A 157 0.38 -10.21 -9.86
N ALA A 158 -0.32 -9.86 -8.78
CA ALA A 158 -0.20 -10.54 -7.49
C ALA A 158 -0.41 -12.06 -7.54
N SER A 159 -1.39 -12.50 -8.31
CA SER A 159 -1.70 -13.92 -8.41
C SER A 159 -0.57 -14.74 -9.10
N GLU A 160 0.01 -14.16 -10.17
CA GLU A 160 1.12 -14.78 -10.90
C GLU A 160 2.34 -15.01 -10.02
N ARG A 161 2.54 -14.13 -9.04
CA ARG A 161 3.69 -14.17 -8.15
C ARG A 161 3.41 -14.92 -6.84
N GLY A 162 2.23 -15.55 -6.75
CA GLY A 162 1.82 -16.26 -5.52
C GLY A 162 1.78 -15.39 -4.27
N LEU A 164 -0.96 -13.36 -3.67
CA LEU A 164 -2.38 -13.02 -3.50
C LEU A 164 -3.07 -13.97 -2.52
N VAL A 165 -3.60 -13.40 -1.45
CA VAL A 165 -4.37 -14.17 -0.47
C VAL A 165 -5.77 -14.43 -1.05
N ASP A 166 -6.47 -13.36 -1.38
CA ASP A 166 -7.77 -13.48 -1.97
C ASP A 166 -8.39 -12.12 -2.25
N LYS A 167 -9.56 -12.13 -2.91
CA LYS A 167 -10.34 -10.94 -3.20
C LYS A 167 -11.83 -11.26 -3.24
N VAL A 168 -12.65 -10.23 -3.07
CA VAL A 168 -14.09 -10.36 -3.13
C VAL A 168 -14.65 -9.09 -3.74
N VAL A 169 -15.73 -9.24 -4.50
CA VAL A 169 -16.59 -8.11 -4.85
C VAL A 169 -17.96 -8.38 -4.24
N ILE A 170 -18.41 -7.44 -3.41
CA ILE A 170 -19.69 -7.54 -2.77
C ILE A 170 -20.53 -6.42 -3.34
N PRO A 171 -21.47 -6.74 -4.26
CA PRO A 171 -22.32 -5.82 -5.02
C PRO A 171 -23.25 -4.97 -4.16
N SER A 172 -23.95 -5.60 -3.22
CA SER A 172 -24.80 -4.86 -2.30
C SER A 172 -24.44 -5.24 -0.89
N PRO A 173 -23.44 -4.54 -0.35
CA PRO A 173 -23.02 -4.77 1.02
C PRO A 173 -24.13 -4.46 2.01
N HIS A 174 -24.28 -5.33 3.00
CA HIS A 174 -25.14 -5.11 4.14
C HIS A 174 -24.71 -3.85 4.85
N ASP A 175 -25.67 -3.14 5.45
CA ASP A 175 -25.39 -1.91 6.19
C ASP A 175 -24.38 -2.02 7.34
N HIS A 176 -24.23 -3.21 7.93
CA HIS A 176 -23.17 -3.40 8.96
C HIS A 176 -21.79 -3.62 8.32
N LEU A 177 -21.73 -3.44 6.99
CA LEU A 177 -20.47 -3.38 6.27
C LEU A 177 -20.16 -1.94 5.86
N LYS A 178 -21.21 -1.12 5.74
CA LYS A 178 -21.07 0.34 5.61
C LYS A 178 -20.90 0.98 7.01
N ARG A 179 -21.17 0.18 8.05
CA ARG A 179 -20.75 0.49 9.41
C ARG A 179 -19.32 -0.02 9.51
N CYS A 180 -18.46 0.57 8.67
CA CYS A 180 -17.12 0.03 8.33
C CYS A 180 -16.30 -0.46 9.51
#